data_1X25
#
_entry.id   1X25
#
_cell.length_a   54.980
_cell.length_b   54.980
_cell.length_c   221.557
_cell.angle_alpha   90.00
_cell.angle_beta   90.00
_cell.angle_gamma   120.00
#
_symmetry.space_group_name_H-M   'H 3'
#
loop_
_entity.id
_entity.type
_entity.pdbx_description
1 polymer 'Hypothetical UPF0076 protein ST0811'
2 water water
#
_entity_poly.entity_id   1
_entity_poly.type   'polypeptide(L)'
_entity_poly.pdbx_seq_one_letter_code
;GSHMETVFTEKAPKPVGPYSQAIKVGNTLYVSGQIPIDPRTNEIVKGDIKVQTRQVLDNIKEIVKAAGFSLSDVAMAFVF
LKDMNMFNDFNSVYAEYFKDKPPARVTVEVSRLPKDALIEIAVICSKG
;
_entity_poly.pdbx_strand_id   A,B
#
# COMPACT_ATOMS: atom_id res chain seq x y z
N SER A 2 21.72 -10.29 4.30
CA SER A 2 21.69 -9.81 2.86
C SER A 2 20.31 -9.24 2.44
N HIS A 3 19.27 -10.06 2.46
CA HIS A 3 17.94 -9.50 2.30
C HIS A 3 17.39 -8.90 3.61
N MET A 4 18.18 -9.01 4.67
CA MET A 4 17.89 -8.35 5.93
C MET A 4 18.07 -6.83 5.84
N GLU A 5 17.07 -6.07 6.26
CA GLU A 5 17.19 -4.62 6.25
C GLU A 5 16.85 -3.99 7.58
N THR A 6 17.66 -3.02 8.02
CA THR A 6 17.34 -2.26 9.23
C THR A 6 16.23 -1.28 8.88
N VAL A 7 15.29 -1.08 9.80
CA VAL A 7 14.22 -0.09 9.67
C VAL A 7 14.44 1.03 10.71
N PHE A 8 14.34 2.29 10.25
CA PHE A 8 14.43 3.45 11.14
C PHE A 8 13.44 4.54 10.76
N THR A 9 12.70 5.03 11.74
CA THR A 9 11.91 6.24 11.55
C THR A 9 12.10 7.20 12.74
N GLU A 10 12.21 8.50 12.45
CA GLU A 10 12.24 9.53 13.49
C GLU A 10 10.89 9.65 14.20
N LYS A 11 9.85 9.04 13.64
CA LYS A 11 8.52 9.08 14.27
C LYS A 11 8.31 8.06 15.41
N ALA A 12 9.35 7.29 15.75
CA ALA A 12 9.35 6.33 16.89
C ALA A 12 10.65 6.50 17.64
N PRO A 13 10.73 6.03 18.89
CA PRO A 13 11.90 6.34 19.74
C PRO A 13 13.22 5.95 19.08
N LYS A 14 14.19 6.87 19.10
CA LYS A 14 15.48 6.62 18.43
C LYS A 14 16.25 5.58 19.22
N PRO A 15 16.68 4.49 18.59
CA PRO A 15 17.51 3.50 19.28
C PRO A 15 18.79 4.13 19.83
N VAL A 16 19.02 3.91 21.11
CA VAL A 16 20.29 4.28 21.71
C VAL A 16 20.96 2.96 22.06
N GLY A 17 21.89 2.53 21.24
CA GLY A 17 22.59 1.27 21.52
C GLY A 17 22.43 0.21 20.43
N PRO A 18 22.84 -1.02 20.73
CA PRO A 18 22.98 -2.07 19.74
C PRO A 18 21.65 -2.80 19.48
N TYR A 19 20.67 -2.06 18.95
CA TYR A 19 19.41 -2.63 18.42
C TYR A 19 18.82 -1.73 17.34
N SER A 20 18.01 -2.33 16.47
CA SER A 20 17.26 -1.60 15.46
C SER A 20 15.80 -1.55 15.87
N GLN A 21 15.07 -0.49 15.48
CA GLN A 21 13.62 -0.43 15.75
C GLN A 21 12.95 -1.65 15.20
N ALA A 22 13.36 -2.03 14.00
CA ALA A 22 12.88 -3.26 13.41
C ALA A 22 13.83 -3.79 12.37
N ILE A 23 13.64 -5.05 12.06
CA ILE A 23 14.43 -5.73 11.02
C ILE A 23 13.41 -6.31 10.06
N LYS A 24 13.56 -5.96 8.79
CA LYS A 24 12.71 -6.45 7.72
C LYS A 24 13.48 -7.48 6.92
N VAL A 25 12.84 -8.61 6.65
CA VAL A 25 13.38 -9.60 5.73
C VAL A 25 12.26 -9.98 4.78
N GLY A 26 12.30 -9.41 3.57
CA GLY A 26 11.23 -9.61 2.59
C GLY A 26 9.87 -9.25 3.18
N ASN A 27 8.95 -10.22 3.22
CA ASN A 27 7.60 -9.97 3.70
C ASN A 27 7.41 -10.19 5.22
N THR A 28 8.50 -10.35 5.95
CA THR A 28 8.43 -10.55 7.40
C THR A 28 9.11 -9.37 8.05
N LEU A 29 8.49 -8.84 9.10
CA LEU A 29 9.08 -7.80 9.91
C LEU A 29 9.19 -8.18 11.41
N TYR A 30 10.38 -8.03 11.98
CA TYR A 30 10.60 -8.27 13.40
C TYR A 30 10.75 -6.90 14.09
N VAL A 31 9.85 -6.56 15.01
CA VAL A 31 9.81 -5.23 15.64
C VAL A 31 10.27 -5.31 17.10
N SER A 32 11.21 -4.45 17.50
CA SER A 32 11.70 -4.40 18.89
C SER A 32 10.59 -4.20 19.92
N GLY A 33 10.80 -4.62 21.17
CA GLY A 33 9.84 -4.38 22.24
C GLY A 33 9.78 -2.88 22.41
N GLN A 34 8.66 -2.26 22.08
CA GLN A 34 8.53 -0.80 22.28
C GLN A 34 8.00 -0.43 23.69
N ILE A 35 8.50 0.65 24.27
CA ILE A 35 7.99 1.14 25.57
C ILE A 35 7.36 2.52 25.33
N PRO A 36 6.63 3.04 26.33
CA PRO A 36 5.88 4.31 26.17
C PRO A 36 6.71 5.61 26.11
N ILE A 37 7.83 5.58 25.36
CA ILE A 37 8.68 6.75 25.10
C ILE A 37 8.01 7.61 24.04
N ASP A 38 7.89 8.90 24.37
CA ASP A 38 7.54 9.90 23.39
C ASP A 38 8.80 10.22 22.57
N PRO A 39 8.78 9.97 21.26
CA PRO A 39 9.97 10.28 20.43
C PRO A 39 10.35 11.81 20.45
N ARG A 40 9.42 12.68 20.88
CA ARG A 40 9.65 14.12 20.94
C ARG A 40 10.60 14.42 22.12
N THR A 41 10.44 13.68 23.22
CA THR A 41 11.23 13.94 24.44
C THR A 41 12.27 12.88 24.73
N ASN A 42 12.14 11.72 24.09
CA ASN A 42 12.92 10.54 24.47
C ASN A 42 12.73 10.02 25.91
N GLU A 43 11.59 10.38 26.52
CA GLU A 43 11.23 9.95 27.86
C GLU A 43 9.83 9.36 27.91
N ILE A 44 9.54 8.62 28.98
CA ILE A 44 8.22 8.05 29.12
C ILE A 44 7.11 9.10 29.14
N VAL A 45 5.97 8.81 28.51
CA VAL A 45 4.87 9.75 28.52
C VAL A 45 4.16 9.80 29.86
N LYS A 46 3.66 10.98 30.23
CA LYS A 46 2.92 11.12 31.48
C LYS A 46 1.55 10.50 31.30
N GLY A 47 1.11 9.71 32.28
CA GLY A 47 -0.23 9.15 32.22
C GLY A 47 -0.28 7.71 32.72
N ASP A 48 -1.50 7.17 32.76
CA ASP A 48 -1.73 5.79 33.22
C ASP A 48 -1.51 4.73 32.13
N ILE A 49 -1.89 3.50 32.44
CA ILE A 49 -1.74 2.39 31.50
C ILE A 49 -2.37 2.70 30.13
N LYS A 50 -3.49 3.42 30.10
CA LYS A 50 -4.13 3.67 28.80
C LYS A 50 -3.29 4.60 27.90
N VAL A 51 -2.80 5.69 28.48
CA VAL A 51 -1.92 6.63 27.78
C VAL A 51 -0.61 5.94 27.36
N GLN A 52 -0.05 5.12 28.26
CA GLN A 52 1.19 4.40 27.92
C GLN A 52 0.94 3.38 26.83
N THR A 53 -0.20 2.70 26.88
CA THR A 53 -0.46 1.65 25.86
C THR A 53 -0.60 2.34 24.48
N ARG A 54 -1.34 3.45 24.45
CA ARG A 54 -1.52 4.21 23.21
C ARG A 54 -0.17 4.70 22.68
N GLN A 55 0.74 5.13 23.57
CA GLN A 55 2.07 5.57 23.10
C GLN A 55 2.86 4.40 22.49
N VAL A 56 2.81 3.24 23.15
CA VAL A 56 3.52 2.05 22.65
C VAL A 56 3.04 1.63 21.28
N LEU A 57 1.73 1.56 21.11
CA LEU A 57 1.12 1.08 19.88
C LEU A 57 1.34 2.10 18.74
N ASP A 58 1.35 3.38 19.09
CA ASP A 58 1.70 4.43 18.11
C ASP A 58 3.15 4.30 17.67
N ASN A 59 4.05 4.03 18.61
CA ASN A 59 5.44 3.74 18.28
C ASN A 59 5.54 2.54 17.34
N ILE A 60 4.80 1.49 17.66
CA ILE A 60 4.83 0.30 16.81
C ILE A 60 4.23 0.61 15.44
N LYS A 61 3.11 1.36 15.44
CA LYS A 61 2.48 1.70 14.18
C LYS A 61 3.44 2.46 13.25
N GLU A 62 4.18 3.42 13.81
CA GLU A 62 5.09 4.20 12.95
C GLU A 62 6.22 3.36 12.40
N ILE A 63 6.72 2.42 13.20
CA ILE A 63 7.79 1.52 12.76
C ILE A 63 7.31 0.62 11.63
N VAL A 64 6.16 0.01 11.85
CA VAL A 64 5.52 -0.89 10.90
C VAL A 64 5.26 -0.13 9.58
N LYS A 65 4.71 1.07 9.66
CA LYS A 65 4.45 1.86 8.45
C LYS A 65 5.75 2.29 7.74
N ALA A 66 6.74 2.74 8.48
CA ALA A 66 8.04 3.05 7.88
C ALA A 66 8.61 1.89 7.04
N ALA A 67 8.32 0.65 7.49
CA ALA A 67 8.86 -0.56 6.89
C ALA A 67 8.07 -1.03 5.66
N GLY A 68 7.00 -0.32 5.33
CA GLY A 68 6.13 -0.72 4.25
C GLY A 68 5.09 -1.76 4.65
N PHE A 69 4.83 -1.85 5.96
CA PHE A 69 3.84 -2.79 6.48
C PHE A 69 2.69 -1.98 7.07
N SER A 70 1.67 -2.70 7.55
CA SER A 70 0.59 -2.02 8.23
C SER A 70 0.19 -2.82 9.48
N LEU A 71 -0.57 -2.21 10.40
CA LEU A 71 -0.93 -2.96 11.64
C LEU A 71 -1.66 -4.25 11.34
N SER A 72 -2.39 -4.25 10.21
CA SER A 72 -3.05 -5.42 9.70
C SER A 72 -2.13 -6.59 9.42
N ASP A 73 -0.84 -6.30 9.28
CA ASP A 73 0.14 -7.36 8.98
C ASP A 73 0.76 -7.98 10.25
N VAL A 74 0.39 -7.45 11.41
CA VAL A 74 0.90 -7.97 12.69
C VAL A 74 0.30 -9.37 12.86
N ALA A 75 1.18 -10.37 12.92
CA ALA A 75 0.78 -11.76 13.13
C ALA A 75 0.86 -12.22 14.59
N MET A 76 1.83 -11.71 15.34
CA MET A 76 2.04 -12.17 16.71
C MET A 76 2.50 -11.01 17.56
N ALA A 77 1.82 -10.78 18.69
CA ALA A 77 2.24 -9.70 19.59
C ALA A 77 2.63 -10.28 20.93
N PHE A 78 3.74 -9.79 21.46
CA PHE A 78 4.28 -10.18 22.79
C PHE A 78 4.04 -8.99 23.72
N VAL A 79 3.15 -9.17 24.68
CA VAL A 79 2.73 -8.08 25.53
C VAL A 79 3.21 -8.36 26.96
N PHE A 80 4.00 -7.43 27.50
CA PHE A 80 4.59 -7.56 28.83
C PHE A 80 4.04 -6.42 29.67
N LEU A 81 3.33 -6.78 30.73
CA LEU A 81 2.73 -5.81 31.64
C LEU A 81 3.44 -5.83 32.99
N LYS A 82 3.64 -4.63 33.56
CA LYS A 82 4.17 -4.53 34.93
C LYS A 82 3.11 -5.10 35.89
N ASP A 83 1.84 -4.94 35.54
CA ASP A 83 0.73 -5.30 36.48
C ASP A 83 -0.46 -5.85 35.70
N MET A 84 -0.67 -7.16 35.85
CA MET A 84 -1.77 -7.88 35.19
C MET A 84 -3.15 -7.31 35.55
N ASN A 85 -3.28 -6.61 36.68
CA ASN A 85 -4.58 -5.99 37.01
C ASN A 85 -4.94 -4.88 36.04
N MET A 86 -3.93 -4.38 35.30
CA MET A 86 -4.15 -3.34 34.27
C MET A 86 -4.59 -3.89 32.91
N PHE A 87 -4.76 -5.21 32.83
CA PHE A 87 -5.01 -5.89 31.59
C PHE A 87 -6.27 -5.37 30.88
N ASN A 88 -7.37 -5.28 31.59
CA ASN A 88 -8.62 -4.81 30.98
C ASN A 88 -8.48 -3.41 30.38
N ASP A 89 -7.77 -2.52 31.08
CA ASP A 89 -7.57 -1.17 30.57
C ASP A 89 -6.64 -1.17 29.38
N PHE A 90 -5.53 -1.90 29.47
CA PHE A 90 -4.62 -2.07 28.33
C PHE A 90 -5.40 -2.58 27.09
N ASN A 91 -6.26 -3.55 27.33
CA ASN A 91 -6.96 -4.27 26.30
C ASN A 91 -7.96 -3.34 25.58
N SER A 92 -8.59 -2.43 26.32
CA SER A 92 -9.55 -1.51 25.72
C SER A 92 -8.85 -0.59 24.70
N VAL A 93 -7.62 -0.18 24.97
CA VAL A 93 -6.88 0.60 23.99
C VAL A 93 -6.36 -0.26 22.86
N TYR A 94 -5.68 -1.36 23.19
CA TYR A 94 -5.21 -2.33 22.19
C TYR A 94 -6.30 -2.70 21.14
N ALA A 95 -7.52 -2.90 21.61
CA ALA A 95 -8.67 -3.32 20.78
C ALA A 95 -8.94 -2.30 19.64
N GLU A 96 -8.56 -1.05 19.87
CA GLU A 96 -8.68 0.05 18.90
C GLU A 96 -7.75 -0.13 17.72
N TYR A 97 -6.59 -0.75 17.97
CA TYR A 97 -5.58 -0.84 16.94
C TYR A 97 -5.70 -2.14 16.12
N PHE A 98 -6.34 -3.17 16.68
CA PHE A 98 -6.43 -4.46 16.01
C PHE A 98 -7.88 -4.93 15.95
N LYS A 99 -8.66 -4.33 15.07
CA LYS A 99 -10.11 -4.50 15.11
C LYS A 99 -10.53 -5.75 14.39
N ASP A 100 -9.85 -6.04 13.29
CA ASP A 100 -10.17 -7.13 12.40
C ASP A 100 -8.96 -8.06 12.27
N LYS A 101 -9.22 -9.37 12.24
CA LYS A 101 -8.17 -10.39 12.04
C LYS A 101 -7.02 -10.10 13.03
N PRO A 102 -7.36 -9.99 14.32
CA PRO A 102 -6.36 -9.58 15.31
C PRO A 102 -5.23 -10.61 15.42
N PRO A 103 -4.02 -10.17 15.75
CA PRO A 103 -2.89 -11.08 15.81
C PRO A 103 -3.00 -12.11 16.92
N ALA A 104 -2.20 -13.18 16.78
CA ALA A 104 -1.90 -14.05 17.92
C ALA A 104 -1.23 -13.17 19.01
N ARG A 105 -1.45 -13.49 20.28
CA ARG A 105 -0.96 -12.66 21.36
C ARG A 105 -0.47 -13.49 22.52
N VAL A 106 0.62 -13.02 23.12
CA VAL A 106 1.20 -13.56 24.35
C VAL A 106 1.14 -12.43 25.38
N THR A 107 0.60 -12.70 26.56
CA THR A 107 0.44 -11.65 27.59
C THR A 107 0.87 -12.17 28.93
N VAL A 108 1.86 -11.51 29.54
CA VAL A 108 2.37 -11.95 30.85
C VAL A 108 2.70 -10.75 31.68
N GLU A 109 2.84 -10.96 32.99
CA GLU A 109 3.26 -9.89 33.90
C GLU A 109 4.74 -10.14 34.23
N VAL A 110 5.51 -9.07 34.11
CA VAL A 110 6.94 -9.11 34.38
C VAL A 110 7.17 -8.31 35.67
N SER A 111 8.35 -8.45 36.24
CA SER A 111 8.60 -7.74 37.50
C SER A 111 9.06 -6.29 37.26
N ARG A 112 9.60 -6.00 36.07
CA ARG A 112 10.03 -4.65 35.73
C ARG A 112 10.34 -4.51 34.24
N LEU A 113 10.26 -3.27 33.74
CA LEU A 113 10.50 -3.00 32.34
C LEU A 113 11.50 -1.86 32.22
N PRO A 114 12.08 -1.70 31.04
CA PRO A 114 12.99 -0.55 30.81
C PRO A 114 12.28 0.75 31.16
N LYS A 115 12.98 1.66 31.85
CA LYS A 115 12.44 2.96 32.28
C LYS A 115 11.23 2.84 33.22
N ASP A 116 11.10 1.70 33.88
CA ASP A 116 9.93 1.44 34.73
C ASP A 116 8.59 1.61 34.03
N ALA A 117 8.57 1.31 32.73
CA ALA A 117 7.33 1.27 31.94
C ALA A 117 6.24 0.36 32.55
N LEU A 118 4.98 0.74 32.35
CA LEU A 118 3.85 -0.13 32.71
C LEU A 118 3.65 -1.26 31.71
N ILE A 119 4.21 -1.12 30.50
CA ILE A 119 3.95 -2.03 29.37
C ILE A 119 5.06 -1.93 28.29
N GLU A 120 5.37 -3.08 27.69
CA GLU A 120 6.25 -3.14 26.54
C GLU A 120 5.60 -4.13 25.56
N ILE A 121 5.60 -3.79 24.27
CA ILE A 121 5.05 -4.69 23.22
C ILE A 121 6.03 -4.83 22.08
N ALA A 122 6.28 -6.08 21.67
CA ALA A 122 7.09 -6.45 20.49
C ALA A 122 6.15 -7.22 19.55
N VAL A 123 6.40 -7.10 18.25
CA VAL A 123 5.53 -7.80 17.28
C VAL A 123 6.34 -8.43 16.15
N ILE A 124 5.73 -9.43 15.54
CA ILE A 124 6.25 -9.99 14.31
C ILE A 124 5.12 -9.82 13.28
N CYS A 125 5.46 -9.35 12.08
CA CYS A 125 4.47 -9.07 11.05
C CYS A 125 4.83 -9.89 9.82
N SER A 126 3.81 -10.17 9.01
CA SER A 126 4.00 -10.87 7.73
C SER A 126 2.96 -10.30 6.73
N LYS A 127 3.45 -9.81 5.60
CA LYS A 127 2.60 -9.17 4.56
C LYS A 127 2.55 -9.95 3.26
N GLY B 1 11.25 1.13 -3.49
CA GLY B 1 11.61 1.13 -2.03
C GLY B 1 10.56 0.42 -1.18
N SER B 2 10.57 0.72 0.13
CA SER B 2 9.71 -0.03 1.07
C SER B 2 8.22 0.04 0.79
N HIS B 3 7.77 1.15 0.22
CA HIS B 3 6.32 1.32 -0.04
C HIS B 3 5.85 0.99 -1.46
N MET B 4 6.74 0.46 -2.29
CA MET B 4 6.36 0.14 -3.67
C MET B 4 5.55 -1.17 -3.61
N GLU B 5 4.38 -1.19 -4.23
CA GLU B 5 3.58 -2.41 -4.33
C GLU B 5 3.24 -2.73 -5.78
N THR B 6 3.40 -3.99 -6.18
CA THR B 6 2.91 -4.37 -7.50
C THR B 6 1.42 -4.56 -7.38
N VAL B 7 0.71 -4.21 -8.44
CA VAL B 7 -0.75 -4.39 -8.46
C VAL B 7 -1.07 -5.47 -9.47
N PHE B 8 -1.95 -6.41 -9.09
CA PHE B 8 -2.40 -7.42 -10.03
C PHE B 8 -3.85 -7.72 -9.77
N THR B 9 -4.64 -7.73 -10.84
CA THR B 9 -6.01 -8.24 -10.81
C THR B 9 -6.27 -9.15 -12.00
N GLU B 10 -7.04 -10.22 -11.78
CA GLU B 10 -7.40 -11.16 -12.85
C GLU B 10 -8.42 -10.54 -13.77
N LYS B 11 -8.97 -9.38 -13.39
CA LYS B 11 -9.94 -8.70 -14.22
C LYS B 11 -9.28 -7.79 -15.28
N ALA B 12 -7.95 -7.82 -15.34
CA ALA B 12 -7.23 -7.12 -16.41
C ALA B 12 -6.20 -8.10 -16.98
N PRO B 13 -5.65 -7.83 -18.17
CA PRO B 13 -4.78 -8.82 -18.80
C PRO B 13 -3.57 -9.21 -17.92
N LYS B 14 -3.33 -10.52 -17.78
CA LYS B 14 -2.25 -11.00 -16.94
C LYS B 14 -0.96 -10.69 -17.70
N PRO B 15 -0.01 -10.02 -17.05
CA PRO B 15 1.31 -9.82 -17.63
C PRO B 15 1.95 -11.15 -18.04
N VAL B 16 2.56 -11.16 -19.22
CA VAL B 16 3.34 -12.30 -19.70
C VAL B 16 4.72 -11.77 -20.03
N GLY B 17 5.48 -11.41 -19.03
CA GLY B 17 6.75 -10.82 -19.29
C GLY B 17 7.11 -9.91 -18.12
N PRO B 18 8.24 -9.21 -18.26
CA PRO B 18 8.86 -8.48 -17.17
C PRO B 18 8.19 -7.11 -16.95
N TYR B 19 6.88 -7.11 -16.68
CA TYR B 19 6.18 -5.86 -16.29
C TYR B 19 5.02 -6.19 -15.35
N SER B 20 4.59 -5.18 -14.60
CA SER B 20 3.44 -5.33 -13.70
C SER B 20 2.29 -4.55 -14.34
N GLN B 21 1.06 -4.95 -14.10
CA GLN B 21 -0.11 -4.15 -14.53
C GLN B 21 -0.01 -2.70 -14.05
N ALA B 22 0.39 -2.54 -12.78
CA ALA B 22 0.67 -1.18 -12.24
C ALA B 22 1.58 -1.27 -11.05
N ILE B 23 2.22 -0.13 -10.71
CA ILE B 23 3.02 -0.02 -9.53
C ILE B 23 2.40 1.10 -8.70
N LYS B 24 2.08 0.77 -7.45
CA LYS B 24 1.55 1.77 -6.50
C LYS B 24 2.61 2.12 -5.48
N VAL B 25 2.76 3.41 -5.20
CA VAL B 25 3.59 3.92 -4.12
C VAL B 25 2.74 4.97 -3.40
N GLY B 26 2.11 4.53 -2.33
CA GLY B 26 1.29 5.39 -1.48
C GLY B 26 0.13 5.90 -2.34
N ASN B 27 0.06 7.23 -2.50
CA ASN B 27 -1.05 7.87 -3.23
C ASN B 27 -0.83 8.04 -4.74
N THR B 28 0.27 7.49 -5.25
CA THR B 28 0.59 7.57 -6.69
C THR B 28 0.51 6.17 -7.31
N LEU B 29 -0.06 6.10 -8.52
CA LEU B 29 -0.17 4.81 -9.20
C LEU B 29 0.36 4.97 -10.63
N TYR B 30 1.31 4.12 -11.01
CA TYR B 30 1.84 4.14 -12.39
C TYR B 30 1.25 2.91 -13.11
N VAL B 31 0.43 3.14 -14.13
CA VAL B 31 -0.22 2.01 -14.83
C VAL B 31 0.42 1.76 -16.21
N SER B 32 0.60 0.46 -16.55
CA SER B 32 1.22 0.04 -17.81
C SER B 32 0.36 0.48 -18.98
N GLY B 33 0.99 0.64 -20.14
CA GLY B 33 0.24 0.94 -21.35
C GLY B 33 -0.64 -0.27 -21.64
N GLN B 34 -1.93 -0.11 -21.53
CA GLN B 34 -2.88 -1.19 -21.76
C GLN B 34 -3.25 -1.25 -23.25
N ILE B 35 -3.31 -2.46 -23.81
CA ILE B 35 -3.78 -2.63 -25.17
C ILE B 35 -5.15 -3.32 -25.13
N PRO B 36 -5.87 -3.40 -26.27
CA PRO B 36 -7.25 -3.94 -26.26
C PRO B 36 -7.37 -5.47 -26.09
N ILE B 37 -6.79 -5.99 -25.03
CA ILE B 37 -6.76 -7.43 -24.77
C ILE B 37 -7.94 -7.79 -23.87
N ASP B 38 -8.67 -8.84 -24.23
CA ASP B 38 -9.69 -9.38 -23.36
C ASP B 38 -8.95 -10.19 -22.27
N PRO B 39 -9.06 -9.81 -21.01
CA PRO B 39 -8.35 -10.55 -19.95
C PRO B 39 -8.74 -12.05 -19.91
N ARG B 40 -9.93 -12.40 -20.41
CA ARG B 40 -10.37 -13.80 -20.46
C ARG B 40 -9.54 -14.64 -21.44
N THR B 41 -9.24 -14.08 -22.61
CA THR B 41 -8.50 -14.81 -23.62
C THR B 41 -7.01 -14.45 -23.59
N ASN B 42 -6.70 -13.33 -22.95
CA ASN B 42 -5.35 -12.75 -23.01
C ASN B 42 -4.92 -12.47 -24.49
N GLU B 43 -5.93 -12.30 -25.36
CA GLU B 43 -5.73 -11.93 -26.77
C GLU B 43 -6.52 -10.68 -27.14
N ILE B 44 -6.07 -10.01 -28.21
CA ILE B 44 -6.69 -8.80 -28.72
C ILE B 44 -8.19 -9.06 -29.07
N VAL B 45 -9.03 -8.07 -28.86
CA VAL B 45 -10.44 -8.12 -29.26
C VAL B 45 -10.62 -7.61 -30.70
N LYS B 46 -11.60 -8.18 -31.39
CA LYS B 46 -11.93 -7.75 -32.76
C LYS B 46 -12.74 -6.46 -32.65
N GLY B 47 -12.90 -5.69 -33.72
CA GLY B 47 -13.76 -4.52 -33.65
C GLY B 47 -13.02 -3.21 -33.92
N ASP B 48 -13.78 -2.15 -34.16
CA ASP B 48 -13.14 -0.87 -34.51
C ASP B 48 -12.53 -0.15 -33.31
N ILE B 49 -12.07 1.09 -33.52
CA ILE B 49 -11.46 1.89 -32.45
C ILE B 49 -12.34 2.01 -31.22
N LYS B 50 -13.67 2.11 -31.41
CA LYS B 50 -14.53 2.28 -30.23
C LYS B 50 -14.51 1.03 -29.37
N VAL B 51 -14.62 -0.14 -30.01
CA VAL B 51 -14.56 -1.42 -29.27
C VAL B 51 -13.24 -1.54 -28.51
N GLN B 52 -12.19 -1.19 -29.22
CA GLN B 52 -10.86 -1.39 -28.66
C GLN B 52 -10.58 -0.38 -27.54
N THR B 53 -11.10 0.82 -27.68
CA THR B 53 -10.86 1.85 -26.67
C THR B 53 -11.60 1.46 -25.39
N ARG B 54 -12.83 0.94 -25.54
CA ARG B 54 -13.59 0.48 -24.36
C ARG B 54 -12.87 -0.63 -23.64
N GLN B 55 -12.23 -1.54 -24.39
CA GLN B 55 -11.51 -2.65 -23.75
C GLN B 55 -10.32 -2.14 -22.96
N VAL B 56 -9.59 -1.23 -23.58
CA VAL B 56 -8.41 -0.63 -22.94
C VAL B 56 -8.80 0.09 -21.64
N LEU B 57 -9.86 0.91 -21.73
CA LEU B 57 -10.29 1.72 -20.58
C LEU B 57 -10.91 0.83 -19.48
N ASP B 58 -11.59 -0.25 -19.89
CA ASP B 58 -12.05 -1.24 -18.87
C ASP B 58 -10.87 -1.88 -18.16
N ASN B 59 -9.84 -2.27 -18.92
CA ASN B 59 -8.63 -2.87 -18.32
C ASN B 59 -7.98 -1.89 -17.35
N ILE B 60 -7.89 -0.61 -17.76
CA ILE B 60 -7.31 0.40 -16.85
C ILE B 60 -8.19 0.54 -15.62
N LYS B 61 -9.50 0.66 -15.83
CA LYS B 61 -10.43 0.85 -14.72
C LYS B 61 -10.30 -0.24 -13.68
N GLU B 62 -10.21 -1.52 -14.12
CA GLU B 62 -10.03 -2.62 -13.18
C GLU B 62 -8.70 -2.56 -12.42
N ILE B 63 -7.65 -2.12 -13.10
CA ILE B 63 -6.33 -2.06 -12.48
C ILE B 63 -6.33 -0.95 -11.41
N VAL B 64 -6.82 0.22 -11.79
CA VAL B 64 -6.97 1.37 -10.90
C VAL B 64 -7.80 1.01 -9.65
N LYS B 65 -8.97 0.41 -9.85
CA LYS B 65 -9.75 -0.07 -8.69
C LYS B 65 -9.05 -1.09 -7.81
N ALA B 66 -8.48 -2.12 -8.43
CA ALA B 66 -7.62 -3.08 -7.69
C ALA B 66 -6.56 -2.44 -6.79
N ALA B 67 -6.03 -1.29 -7.20
CA ALA B 67 -5.02 -0.59 -6.41
C ALA B 67 -5.57 0.32 -5.30
N GLY B 68 -6.89 0.39 -5.16
CA GLY B 68 -7.49 1.34 -4.23
C GLY B 68 -7.71 2.74 -4.78
N PHE B 69 -7.71 2.88 -6.12
CA PHE B 69 -7.84 4.18 -6.79
C PHE B 69 -9.17 4.18 -7.56
N SER B 70 -9.60 5.33 -8.06
CA SER B 70 -10.70 5.37 -9.01
C SER B 70 -10.28 6.13 -10.29
N LEU B 71 -11.07 6.06 -11.34
CA LEU B 71 -10.72 6.80 -12.59
C LEU B 71 -10.63 8.30 -12.36
N SER B 72 -11.36 8.77 -11.35
CA SER B 72 -11.31 10.20 -11.01
C SER B 72 -9.94 10.60 -10.42
N ASP B 73 -9.13 9.61 -9.99
CA ASP B 73 -7.72 9.87 -9.57
C ASP B 73 -6.70 9.90 -10.71
N VAL B 74 -7.10 9.52 -11.92
CA VAL B 74 -6.23 9.67 -13.08
C VAL B 74 -5.82 11.14 -13.30
N ALA B 75 -4.52 11.41 -13.30
CA ALA B 75 -3.99 12.75 -13.46
C ALA B 75 -3.41 12.96 -14.85
N MET B 76 -2.92 11.88 -15.47
CA MET B 76 -2.28 12.05 -16.77
C MET B 76 -2.45 10.78 -17.61
N ALA B 77 -2.94 10.93 -18.84
CA ALA B 77 -3.11 9.80 -19.76
C ALA B 77 -2.22 9.95 -20.99
N PHE B 78 -1.55 8.86 -21.37
CA PHE B 78 -0.73 8.80 -22.56
C PHE B 78 -1.48 7.93 -23.55
N VAL B 79 -1.96 8.54 -24.64
CA VAL B 79 -2.76 7.82 -25.61
C VAL B 79 -1.96 7.70 -26.90
N PHE B 80 -1.70 6.47 -27.31
CA PHE B 80 -1.00 6.18 -28.57
C PHE B 80 -2.00 5.52 -29.53
N LEU B 81 -2.23 6.17 -30.66
CA LEU B 81 -3.13 5.66 -31.69
C LEU B 81 -2.31 5.14 -32.87
N LYS B 82 -2.77 4.07 -33.47
CA LYS B 82 -2.20 3.58 -34.73
C LYS B 82 -2.62 4.56 -35.86
N ASP B 83 -3.77 5.21 -35.69
CA ASP B 83 -4.30 6.05 -36.80
C ASP B 83 -5.07 7.24 -36.25
N MET B 84 -4.47 8.41 -36.37
CA MET B 84 -5.06 9.64 -35.88
C MET B 84 -6.41 9.94 -36.54
N ASN B 85 -6.68 9.34 -37.71
CA ASN B 85 -8.00 9.54 -38.30
C ASN B 85 -9.12 8.86 -37.49
N MET B 86 -8.75 8.01 -36.56
CA MET B 86 -9.74 7.37 -35.68
C MET B 86 -9.89 8.18 -34.38
N PHE B 87 -9.21 9.33 -34.28
CA PHE B 87 -9.29 10.14 -33.03
C PHE B 87 -10.72 10.49 -32.56
N ASN B 88 -11.55 11.00 -33.47
CA ASN B 88 -12.90 11.42 -33.04
C ASN B 88 -13.71 10.29 -32.40
N ASP B 89 -13.65 9.09 -32.97
CA ASP B 89 -14.35 7.94 -32.43
C ASP B 89 -13.76 7.47 -31.10
N PHE B 90 -12.42 7.43 -31.04
CA PHE B 90 -11.71 7.15 -29.80
C PHE B 90 -12.19 8.13 -28.70
N ASN B 91 -12.20 9.42 -29.03
CA ASN B 91 -12.48 10.48 -28.09
C ASN B 91 -13.92 10.38 -27.56
N SER B 92 -14.87 9.98 -28.44
CA SER B 92 -16.27 9.80 -28.03
C SER B 92 -16.38 8.77 -26.91
N VAL B 93 -15.59 7.69 -27.00
CA VAL B 93 -15.61 6.64 -25.97
C VAL B 93 -14.88 7.12 -24.70
N TYR B 94 -13.69 7.68 -24.90
CA TYR B 94 -12.88 8.14 -23.80
C TYR B 94 -13.70 9.13 -22.94
N ALA B 95 -14.51 9.97 -23.60
CA ALA B 95 -15.24 11.02 -22.89
C ALA B 95 -16.25 10.42 -21.89
N GLU B 96 -16.66 9.19 -22.14
CA GLU B 96 -17.58 8.51 -21.22
C GLU B 96 -16.92 8.07 -19.92
N TYR B 97 -15.60 7.83 -19.95
CA TYR B 97 -14.89 7.35 -18.78
C TYR B 97 -14.38 8.49 -17.91
N PHE B 98 -14.22 9.66 -18.53
CA PHE B 98 -13.62 10.81 -17.86
C PHE B 98 -14.54 12.04 -18.00
N LYS B 99 -15.76 11.92 -17.47
CA LYS B 99 -16.81 12.92 -17.66
C LYS B 99 -16.57 14.21 -16.91
N ASP B 100 -16.06 14.14 -15.69
CA ASP B 100 -15.87 15.34 -14.92
C ASP B 100 -14.42 15.42 -14.49
N LYS B 101 -13.87 16.62 -14.53
CA LYS B 101 -12.52 16.89 -14.07
C LYS B 101 -11.53 15.92 -14.77
N PRO B 102 -11.57 15.92 -16.09
CA PRO B 102 -10.79 14.96 -16.88
C PRO B 102 -9.28 15.18 -16.73
N PRO B 103 -8.50 14.12 -16.90
CA PRO B 103 -7.05 14.24 -16.73
C PRO B 103 -6.30 15.02 -17.81
N ALA B 104 -5.04 15.38 -17.53
CA ALA B 104 -4.13 15.83 -18.57
C ALA B 104 -3.96 14.65 -19.54
N ARG B 105 -3.73 14.96 -20.80
CA ARG B 105 -3.68 13.91 -21.82
C ARG B 105 -2.65 14.26 -22.87
N VAL B 106 -1.91 13.24 -23.30
CA VAL B 106 -0.96 13.27 -24.43
C VAL B 106 -1.55 12.32 -25.49
N THR B 107 -1.69 12.81 -26.71
CA THR B 107 -2.23 12.01 -27.81
C THR B 107 -1.33 12.11 -29.03
N VAL B 108 -0.86 10.95 -29.51
CA VAL B 108 0.03 10.91 -30.68
C VAL B 108 -0.31 9.69 -31.50
N GLU B 109 0.08 9.70 -32.76
CA GLU B 109 -0.04 8.51 -33.60
C GLU B 109 1.35 7.87 -33.68
N VAL B 110 1.38 6.55 -33.48
CA VAL B 110 2.63 5.82 -33.51
C VAL B 110 2.64 4.92 -34.74
N SER B 111 3.76 4.29 -35.00
CA SER B 111 3.96 3.49 -36.20
C SER B 111 3.28 2.12 -36.04
N ARG B 112 3.37 1.60 -34.83
CA ARG B 112 2.86 0.26 -34.55
C ARG B 112 2.76 0.08 -33.03
N LEU B 113 1.86 -0.82 -32.60
CA LEU B 113 1.63 -1.13 -31.21
C LEU B 113 1.73 -2.63 -30.98
N PRO B 114 1.90 -3.06 -29.74
CA PRO B 114 1.89 -4.49 -29.44
C PRO B 114 0.60 -5.18 -29.95
N LYS B 115 0.78 -6.41 -30.45
CA LYS B 115 -0.33 -7.23 -31.00
C LYS B 115 -1.08 -6.50 -32.10
N ASP B 116 -0.39 -5.56 -32.76
CA ASP B 116 -0.98 -4.73 -33.82
C ASP B 116 -2.29 -4.06 -33.38
N ALA B 117 -2.36 -3.61 -32.12
CA ALA B 117 -3.54 -2.92 -31.61
C ALA B 117 -3.74 -1.60 -32.34
N LEU B 118 -4.96 -1.11 -32.26
CA LEU B 118 -5.26 0.21 -32.81
C LEU B 118 -4.97 1.30 -31.79
N ILE B 119 -4.80 0.94 -30.52
CA ILE B 119 -4.59 1.95 -29.45
C ILE B 119 -3.99 1.32 -28.19
N GLU B 120 -3.18 2.13 -27.50
CA GLU B 120 -2.56 1.77 -26.25
C GLU B 120 -2.68 3.00 -25.36
N ILE B 121 -3.10 2.80 -24.11
CA ILE B 121 -3.19 3.89 -23.09
C ILE B 121 -2.54 3.53 -21.81
N ALA B 122 -1.63 4.40 -21.35
CA ALA B 122 -1.07 4.30 -20.00
C ALA B 122 -1.52 5.53 -19.21
N VAL B 123 -1.57 5.40 -17.88
CA VAL B 123 -2.00 6.54 -17.06
C VAL B 123 -1.14 6.62 -15.79
N ILE B 124 -1.10 7.82 -15.22
CA ILE B 124 -0.50 8.02 -13.89
C ILE B 124 -1.65 8.58 -13.07
N CYS B 125 -1.86 8.00 -11.88
CA CYS B 125 -2.92 8.43 -10.97
C CYS B 125 -2.31 9.04 -9.70
N SER B 126 -3.06 9.97 -9.08
CA SER B 126 -2.59 10.66 -7.87
C SER B 126 -3.85 10.90 -7.03
N LYS B 127 -4.00 10.17 -5.93
CA LYS B 127 -5.25 10.19 -5.12
C LYS B 127 -5.13 10.98 -3.81
N GLY B 128 -4.03 11.72 -3.68
CA GLY B 128 -3.80 12.59 -2.52
C GLY B 128 -4.94 13.60 -2.32
#